data_2X5W
#
_entry.id   2X5W
#
_cell.length_a   73.666
_cell.length_b   75.977
_cell.length_c   79.592
_cell.angle_alpha   90.00
_cell.angle_beta   90.00
_cell.angle_gamma   90.00
#
_symmetry.space_group_name_H-M   'P 21 21 21'
#
loop_
_entity.id
_entity.type
_entity.pdbx_description
1 polymer 'PUTATIVE CYTOCHROME P450 125'
2 non-polymer 'SULFATE ION'
3 non-polymer (8ALPHA,9BETA)-CHOLEST-4-EN-3-ONE
4 non-polymer 1,2-ETHANEDIOL
5 non-polymer 'PROTOPORPHYRIN IX CONTAINING FE'
6 water water
#
_entity_poly.entity_id   1
_entity_poly.type   'polypeptide(L)'
_entity_poly.pdbx_seq_one_letter_code
;MHHHHHHMSWNHQSVEIAVRRTTVPSPNLPPGFDFTDPAIYAERLPVAEFAELRSAAPIWWNGQDPGKGGGFHDGGFWAI
TKLNDVKEISRHSDVFSSYENGVIPRFKNDIAREDIEVQRFVMLNMDAPHHTRLRKIISRGFTPRAVGRLHDELQERAQK
IAAEAAAAGSGDFVEQVSCELPLQAIAGLLGVPQEDRGKLFHWSNEMTGNEDPEYAHIDPKASSAELIGYAMKMAEEKAK
NPADDIVTQLIQADIDGEKLSDDEFGFFVVMLAVAGNETTRNSITQGMMAFAEHPDQWELYKKVRPETAADEIVRWATPV
TAFQRTALRDYELSGVQIKKGQRVVMFYRSANFDEEVFQDPFTFNILRNPNPHVGFGGTGAHYCIGANLARMTINLIFNA
VADHMPDLKPISAPERLRSGWLNGIKHWQVDYTGRCPVAH
;
_entity_poly.pdbx_strand_id   A
#
loop_
_chem_comp.id
_chem_comp.type
_chem_comp.name
_chem_comp.formula
EDO non-polymer 1,2-ETHANEDIOL 'C2 H6 O2'
HEM non-polymer 'PROTOPORPHYRIN IX CONTAINING FE' 'C34 H32 Fe N4 O4'
K2B non-polymer (8ALPHA,9BETA)-CHOLEST-4-EN-3-ONE 'C27 H44 O'
SO4 non-polymer 'SULFATE ION' 'O4 S -2'
#
# COMPACT_ATOMS: atom_id res chain seq x y z
N SER A 26 2.08 24.77 21.04
CA SER A 26 1.54 23.36 20.91
C SER A 26 0.47 23.40 19.83
N PRO A 27 0.35 22.30 19.04
CA PRO A 27 -0.58 22.32 17.93
C PRO A 27 -2.03 22.28 18.47
N ASN A 28 -2.96 22.78 17.67
CA ASN A 28 -4.34 22.85 18.10
C ASN A 28 -4.97 21.49 17.75
N LEU A 29 -4.86 20.53 18.67
CA LEU A 29 -5.45 19.14 18.49
C LEU A 29 -6.17 18.78 19.75
N PRO A 30 -7.17 17.88 19.64
CA PRO A 30 -7.85 17.38 20.82
C PRO A 30 -6.91 16.64 21.75
N PRO A 31 -7.05 16.85 23.10
CA PRO A 31 -6.29 16.00 24.02
C PRO A 31 -6.47 14.52 23.69
N GLY A 32 -5.37 13.78 23.83
CA GLY A 32 -5.32 12.36 23.46
C GLY A 32 -5.33 11.97 21.99
N PHE A 33 -5.33 12.94 21.08
CA PHE A 33 -5.55 12.62 19.66
C PHE A 33 -4.40 11.72 19.20
N ASP A 34 -4.70 10.71 18.42
CA ASP A 34 -3.68 9.75 18.02
C ASP A 34 -3.80 9.56 16.51
N PHE A 35 -2.73 9.88 15.77
CA PHE A 35 -2.86 9.86 14.33
C PHE A 35 -2.90 8.44 13.71
N THR A 36 -2.74 7.41 14.55
CA THR A 36 -2.83 6.02 14.10
C THR A 36 -4.17 5.39 14.55
N ASP A 37 -5.07 6.23 15.08
CA ASP A 37 -6.35 5.71 15.59
C ASP A 37 -7.23 5.19 14.46
N PRO A 38 -7.56 3.86 14.44
CA PRO A 38 -8.31 3.42 13.27
C PRO A 38 -9.72 4.01 13.19
N ALA A 39 -10.28 4.45 14.36
CA ALA A 39 -11.59 5.16 14.38
C ALA A 39 -11.62 6.43 13.51
N ILE A 40 -10.48 7.10 13.33
CA ILE A 40 -10.46 8.26 12.44
C ILE A 40 -10.65 7.78 10.99
N TYR A 41 -9.82 6.80 10.60
CA TYR A 41 -9.75 6.40 9.19
C TYR A 41 -10.99 5.68 8.70
N ALA A 42 -11.77 5.07 9.61
CA ALA A 42 -13.08 4.53 9.28
C ALA A 42 -14.05 5.56 8.73
N GLU A 43 -13.85 6.84 9.11
CA GLU A 43 -14.70 7.96 8.76
C GLU A 43 -14.06 8.90 7.75
N ARG A 44 -12.73 9.11 7.88
CA ARG A 44 -12.13 10.26 7.09
C ARG A 44 -10.63 10.19 7.11
N LEU A 45 -9.98 11.01 6.31
CA LEU A 45 -8.52 11.16 6.42
C LEU A 45 -8.37 12.44 7.26
N PRO A 46 -7.46 12.48 8.24
CA PRO A 46 -7.35 13.64 9.15
C PRO A 46 -6.46 14.76 8.52
N VAL A 47 -6.92 15.29 7.40
CA VAL A 47 -6.17 16.22 6.53
C VAL A 47 -5.92 17.51 7.32
N ALA A 48 -6.92 18.06 7.99
CA ALA A 48 -6.70 19.37 8.68
C ALA A 48 -5.75 19.10 9.87
N GLU A 49 -5.87 17.92 10.50
CA GLU A 49 -4.92 17.59 11.61
C GLU A 49 -3.44 17.49 11.17
N PHE A 50 -3.19 16.85 10.04
CA PHE A 50 -1.84 16.77 9.49
C PHE A 50 -1.37 18.19 9.12
N ALA A 51 -2.26 18.98 8.50
CA ALA A 51 -1.91 20.37 8.11
C ALA A 51 -1.54 21.21 9.32
N GLU A 52 -2.23 20.95 10.45
CA GLU A 52 -1.93 21.66 11.68
C GLU A 52 -0.55 21.29 12.25
N LEU A 53 -0.20 19.99 12.25
CA LEU A 53 1.16 19.59 12.59
C LEU A 53 2.20 20.22 11.67
N ARG A 54 1.99 20.21 10.36
CA ARG A 54 3.08 20.69 9.48
C ARG A 54 3.32 22.17 9.81
N SER A 55 2.24 22.89 10.12
CA SER A 55 2.31 24.34 10.45
C SER A 55 2.96 24.58 11.84
N ALA A 56 2.51 23.85 12.84
CA ALA A 56 2.77 24.13 14.25
C ALA A 56 3.84 23.26 14.94
N ALA A 57 3.98 22.01 14.46
CA ALA A 57 4.80 21.01 15.18
C ALA A 57 5.10 19.91 14.17
N PRO A 58 6.01 20.18 13.19
CA PRO A 58 6.13 19.20 12.11
C PRO A 58 6.70 17.86 12.52
N ILE A 59 7.48 17.80 13.61
CA ILE A 59 7.80 16.55 14.25
C ILE A 59 7.18 16.64 15.66
N TRP A 60 6.28 15.73 15.99
CA TRP A 60 5.44 15.96 17.18
C TRP A 60 5.19 14.70 17.92
N TRP A 61 5.32 14.75 19.25
CA TRP A 61 5.21 13.55 20.10
C TRP A 61 3.74 13.20 20.25
N ASN A 62 3.35 12.08 19.61
CA ASN A 62 1.97 11.56 19.66
C ASN A 62 1.98 10.56 20.83
N GLY A 63 1.61 11.02 22.02
CA GLY A 63 1.54 10.18 23.22
C GLY A 63 0.41 9.19 23.07
N GLN A 64 0.59 8.03 23.68
CA GLN A 64 -0.42 6.97 23.70
C GLN A 64 -0.58 6.42 25.15
N ASP A 65 -1.82 6.41 25.65
CA ASP A 65 -2.15 5.86 26.97
C ASP A 65 -1.79 4.36 27.08
N PRO A 66 -1.47 3.85 28.30
CA PRO A 66 -1.12 2.44 28.44
C PRO A 66 -2.25 1.62 27.86
N GLY A 67 -1.90 0.56 27.15
CA GLY A 67 -2.86 -0.32 26.48
C GLY A 67 -3.54 0.19 25.22
N LYS A 68 -3.21 1.42 24.81
N LYS A 68 -3.27 1.43 24.81
CA LYS A 68 -3.83 2.08 23.67
CA LYS A 68 -3.89 1.97 23.59
C LYS A 68 -2.80 2.27 22.54
C LYS A 68 -2.82 2.25 22.52
N GLY A 69 -1.70 1.50 22.55
CA GLY A 69 -0.59 1.75 21.59
C GLY A 69 -0.63 0.93 20.31
N GLY A 70 -1.79 0.30 20.01
CA GLY A 70 -1.90 -0.55 18.84
C GLY A 70 -0.89 -1.71 18.84
N GLY A 71 -0.57 -2.23 20.02
CA GLY A 71 0.37 -3.33 20.11
C GLY A 71 1.74 -2.98 20.62
N PHE A 72 2.04 -1.66 20.66
CA PHE A 72 3.30 -1.11 21.17
C PHE A 72 3.01 -0.49 22.54
N HIS A 73 3.97 -0.60 23.46
CA HIS A 73 3.76 -0.29 24.87
C HIS A 73 4.87 0.61 25.31
N ASP A 74 5.17 1.59 24.46
CA ASP A 74 6.28 2.45 24.73
C ASP A 74 5.88 3.89 24.97
N GLY A 75 4.61 4.16 25.17
CA GLY A 75 4.14 5.51 25.50
C GLY A 75 3.85 6.44 24.33
N GLY A 76 4.15 5.96 23.11
CA GLY A 76 3.81 6.78 21.94
C GLY A 76 4.91 6.82 20.90
N PHE A 77 4.87 7.81 20.01
CA PHE A 77 5.83 7.82 18.89
C PHE A 77 5.93 9.22 18.32
N TRP A 78 7.00 9.48 17.59
CA TRP A 78 7.11 10.75 16.92
C TRP A 78 6.32 10.76 15.57
N ALA A 79 5.37 11.68 15.43
CA ALA A 79 4.64 11.86 14.16
C ALA A 79 5.53 12.69 13.19
N ILE A 80 5.86 12.12 12.01
CA ILE A 80 6.73 12.79 11.03
C ILE A 80 5.76 13.19 9.90
N THR A 81 5.71 14.49 9.64
CA THR A 81 4.69 15.05 8.70
C THR A 81 5.19 15.75 7.43
N LYS A 82 6.49 16.02 7.42
CA LYS A 82 7.11 16.70 6.26
C LYS A 82 7.90 15.77 5.38
N LEU A 83 7.77 16.02 4.08
CA LEU A 83 8.38 15.13 3.05
C LEU A 83 9.89 15.00 3.26
N ASN A 84 10.57 16.12 3.55
CA ASN A 84 12.01 16.05 3.70
C ASN A 84 12.40 15.13 4.83
N ASP A 85 11.59 15.14 5.91
CA ASP A 85 11.92 14.26 7.07
C ASP A 85 11.61 12.78 6.76
N VAL A 86 10.58 12.57 5.97
CA VAL A 86 10.26 11.21 5.52
C VAL A 86 11.41 10.65 4.68
N LYS A 87 11.94 11.47 3.78
CA LYS A 87 13.08 10.97 3.01
C LYS A 87 14.25 10.70 3.99
N GLU A 88 14.59 11.66 4.86
CA GLU A 88 15.78 11.48 5.70
C GLU A 88 15.71 10.20 6.55
N ILE A 89 14.51 9.89 7.08
CA ILE A 89 14.39 8.66 7.88
C ILE A 89 14.52 7.45 6.96
N SER A 90 13.81 7.47 5.81
CA SER A 90 13.75 6.33 4.88
C SER A 90 15.10 6.00 4.32
N ARG A 91 15.89 7.05 4.07
CA ARG A 91 17.19 6.86 3.39
C ARG A 91 18.34 6.53 4.31
N HIS A 92 18.11 6.52 5.62
CA HIS A 92 19.20 6.21 6.56
C HIS A 92 18.75 5.07 7.45
N SER A 93 18.73 3.89 6.83
CA SER A 93 18.17 2.70 7.49
C SER A 93 19.21 2.14 8.49
N ASP A 94 20.45 2.62 8.40
N ASP A 94 20.47 2.53 8.42
CA ASP A 94 21.49 2.32 9.41
CA ASP A 94 21.38 2.05 9.46
C ASP A 94 21.07 2.76 10.79
C ASP A 94 21.08 2.74 10.82
N VAL A 95 20.34 3.87 10.82
CA VAL A 95 19.79 4.45 12.05
C VAL A 95 18.33 4.06 12.26
N PHE A 96 17.54 4.14 11.18
CA PHE A 96 16.12 3.94 11.38
C PHE A 96 15.70 2.55 10.89
N SER A 97 15.52 1.65 11.87
CA SER A 97 15.37 0.18 11.63
C SER A 97 13.93 -0.19 11.27
N SER A 98 13.77 -1.11 10.32
CA SER A 98 12.44 -1.73 10.05
C SER A 98 12.22 -2.96 10.94
N TYR A 99 13.30 -3.68 11.21
CA TYR A 99 13.24 -4.90 11.98
C TYR A 99 12.86 -4.74 13.45
N GLU A 100 13.31 -3.70 14.13
CA GLU A 100 13.23 -3.68 15.58
C GLU A 100 11.78 -3.74 16.06
N ASN A 101 10.85 -2.94 15.47
CA ASN A 101 9.45 -3.09 15.83
C ASN A 101 8.56 -3.36 14.63
N GLY A 102 9.18 -3.73 13.49
CA GLY A 102 8.39 -3.80 12.24
C GLY A 102 8.01 -2.39 11.77
N VAL A 103 7.34 -2.34 10.62
CA VAL A 103 6.98 -1.04 10.00
C VAL A 103 5.51 -0.68 10.13
N ILE A 104 4.68 -1.70 10.47
CA ILE A 104 3.23 -1.41 10.64
C ILE A 104 3.03 -0.72 11.99
N PRO A 105 2.41 0.49 12.00
CA PRO A 105 2.39 1.25 13.26
C PRO A 105 1.15 1.01 14.13
N ARG A 106 0.22 0.13 13.69
CA ARG A 106 -0.95 -0.10 14.53
C ARG A 106 -1.54 -1.50 14.20
N PHE A 107 -1.82 -2.24 15.26
CA PHE A 107 -2.55 -3.51 15.25
C PHE A 107 -3.63 -3.38 16.32
N LYS A 108 -4.47 -4.40 16.42
CA LYS A 108 -5.34 -4.49 17.63
C LYS A 108 -4.54 -4.32 18.89
N ASN A 109 -5.13 -3.61 19.88
CA ASN A 109 -4.43 -3.22 21.09
C ASN A 109 -3.85 -4.43 21.87
N ASP A 110 -4.46 -5.62 21.73
CA ASP A 110 -4.07 -6.82 22.50
C ASP A 110 -3.17 -7.77 21.69
N ILE A 111 -2.65 -7.34 20.53
CA ILE A 111 -1.81 -8.27 19.79
C ILE A 111 -0.63 -8.68 20.69
N ALA A 112 -0.28 -9.96 20.68
CA ALA A 112 0.86 -10.44 21.45
C ALA A 112 2.17 -10.01 20.79
N ARG A 113 3.18 -9.72 21.60
CA ARG A 113 4.47 -9.23 21.05
C ARG A 113 5.07 -10.27 20.08
N GLU A 114 4.87 -11.56 20.40
CA GLU A 114 5.41 -12.62 19.50
C GLU A 114 4.74 -12.55 18.12
N ASP A 115 3.51 -12.03 18.11
CA ASP A 115 2.77 -11.90 16.85
C ASP A 115 3.08 -10.68 16.04
N ILE A 116 3.67 -9.69 16.67
CA ILE A 116 4.41 -8.66 15.93
C ILE A 116 5.75 -9.20 15.43
N GLU A 117 6.51 -9.86 16.30
CA GLU A 117 7.86 -10.32 15.92
C GLU A 117 7.84 -11.35 14.81
N VAL A 118 6.77 -12.12 14.68
CA VAL A 118 6.73 -13.13 13.57
C VAL A 118 6.74 -12.44 12.22
N GLN A 119 6.33 -11.16 12.21
CA GLN A 119 6.30 -10.41 10.95
C GLN A 119 7.71 -9.98 10.53
N ARG A 120 8.71 -10.24 11.36
CA ARG A 120 10.11 -10.10 10.95
C ARG A 120 10.51 -11.09 9.82
N PHE A 121 9.63 -12.10 9.55
CA PHE A 121 9.89 -12.99 8.45
C PHE A 121 9.47 -12.35 7.07
N VAL A 122 8.85 -11.16 7.09
CA VAL A 122 8.50 -10.43 5.89
C VAL A 122 9.68 -9.54 5.56
N MET A 123 10.03 -9.53 4.28
CA MET A 123 11.22 -8.79 3.84
C MET A 123 11.11 -7.30 4.15
N LEU A 124 9.89 -6.77 4.05
CA LEU A 124 9.61 -5.34 4.44
C LEU A 124 10.13 -4.98 5.85
N ASN A 125 10.10 -5.96 6.77
CA ASN A 125 10.48 -5.79 8.15
C ASN A 125 11.91 -6.25 8.48
N MET A 126 12.73 -6.45 7.45
CA MET A 126 14.11 -6.86 7.66
C MET A 126 15.05 -5.69 7.52
N ASP A 127 16.19 -5.79 8.21
CA ASP A 127 17.25 -4.83 8.01
C ASP A 127 18.37 -5.56 7.23
N ALA A 128 19.29 -4.76 6.70
CA ALA A 128 20.52 -5.35 6.14
C ALA A 128 21.33 -6.05 7.24
N PRO A 129 22.08 -7.11 6.90
CA PRO A 129 22.29 -7.60 5.56
C PRO A 129 21.25 -8.55 5.02
N HIS A 130 20.41 -9.15 5.87
CA HIS A 130 19.53 -10.17 5.32
C HIS A 130 18.47 -9.59 4.34
N HIS A 131 17.93 -8.41 4.68
CA HIS A 131 17.04 -7.64 3.76
C HIS A 131 17.67 -7.56 2.38
N THR A 132 18.95 -7.15 2.32
CA THR A 132 19.64 -6.94 1.08
C THR A 132 19.61 -8.20 0.22
N ARG A 133 19.85 -9.39 0.85
CA ARG A 133 19.92 -10.61 0.06
C ARG A 133 18.54 -10.99 -0.51
N LEU A 134 17.49 -10.90 0.35
CA LEU A 134 16.13 -11.28 -0.12
C LEU A 134 15.60 -10.29 -1.15
N ARG A 135 15.92 -9.02 -0.99
CA ARG A 135 15.44 -8.00 -1.97
C ARG A 135 16.11 -8.24 -3.33
N LYS A 136 17.41 -8.58 -3.30
CA LYS A 136 18.11 -8.82 -4.56
C LYS A 136 17.42 -9.98 -5.30
N ILE A 137 16.98 -11.02 -4.57
CA ILE A 137 16.34 -12.11 -5.27
C ILE A 137 15.01 -11.70 -5.85
N ILE A 138 14.13 -11.14 -5.03
CA ILE A 138 12.75 -10.90 -5.49
C ILE A 138 12.74 -9.80 -6.61
N SER A 139 13.69 -8.86 -6.52
CA SER A 139 13.71 -7.79 -7.53
C SER A 139 13.91 -8.33 -8.96
N ARG A 140 14.52 -9.54 -9.10
N ARG A 140 14.51 -9.52 -9.13
CA ARG A 140 14.83 -10.22 -10.38
CA ARG A 140 14.81 -10.06 -10.46
C ARG A 140 13.60 -10.43 -11.21
C ARG A 140 13.56 -10.35 -11.25
N GLY A 141 12.42 -10.49 -10.55
CA GLY A 141 11.16 -10.65 -11.28
C GLY A 141 10.34 -9.39 -11.48
N PHE A 142 10.90 -8.26 -11.11
CA PHE A 142 10.25 -6.97 -11.23
C PHE A 142 11.13 -6.00 -12.03
N THR A 143 11.97 -6.53 -12.92
CA THR A 143 12.85 -5.65 -13.75
C THR A 143 11.96 -4.77 -14.61
N PRO A 144 12.47 -3.58 -15.02
CA PRO A 144 11.59 -2.77 -15.88
C PRO A 144 11.18 -3.51 -17.14
N ARG A 145 12.07 -4.33 -17.72
N ARG A 145 12.11 -4.31 -17.69
CA ARG A 145 11.68 -5.00 -18.96
CA ARG A 145 11.84 -5.06 -18.90
C ARG A 145 10.80 -6.23 -18.69
C ARG A 145 10.73 -6.04 -18.61
N ALA A 146 10.81 -6.77 -17.47
CA ALA A 146 9.85 -7.83 -17.14
C ALA A 146 8.46 -7.22 -17.02
N VAL A 147 8.39 -6.09 -16.34
CA VAL A 147 7.08 -5.45 -16.20
C VAL A 147 6.55 -5.00 -17.57
N GLY A 148 7.42 -4.41 -18.38
CA GLY A 148 7.05 -4.00 -19.76
C GLY A 148 6.56 -5.17 -20.60
N ARG A 149 7.21 -6.34 -20.47
CA ARG A 149 6.69 -7.57 -21.10
C ARG A 149 5.23 -7.92 -20.68
N LEU A 150 4.73 -7.49 -19.52
CA LEU A 150 3.31 -7.78 -19.11
C LEU A 150 2.24 -6.86 -19.75
N HIS A 151 2.69 -5.78 -20.43
CA HIS A 151 1.75 -4.77 -20.92
C HIS A 151 0.50 -5.32 -21.67
N ASP A 152 0.72 -6.16 -22.69
CA ASP A 152 -0.41 -6.56 -23.56
C ASP A 152 -1.43 -7.41 -22.79
N GLU A 153 -0.90 -8.30 -21.96
N GLU A 153 -0.95 -8.34 -21.97
CA GLU A 153 -1.74 -9.16 -21.14
CA GLU A 153 -1.90 -9.15 -21.19
C GLU A 153 -2.65 -8.34 -20.20
C GLU A 153 -2.70 -8.33 -20.16
N LEU A 154 -2.02 -7.42 -19.47
CA LEU A 154 -2.71 -6.57 -18.51
C LEU A 154 -3.66 -5.63 -19.23
N GLN A 155 -3.29 -5.21 -20.45
CA GLN A 155 -4.22 -4.40 -21.21
C GLN A 155 -5.48 -5.20 -21.56
N GLU A 156 -5.23 -6.40 -22.13
CA GLU A 156 -6.34 -7.21 -22.49
C GLU A 156 -7.24 -7.44 -21.25
N ARG A 157 -6.64 -7.71 -20.08
CA ARG A 157 -7.48 -7.93 -18.87
C ARG A 157 -8.26 -6.65 -18.44
N ALA A 158 -7.57 -5.50 -18.48
CA ALA A 158 -8.20 -4.23 -18.09
C ALA A 158 -9.50 -3.99 -18.93
N GLN A 159 -9.39 -4.18 -20.24
CA GLN A 159 -10.55 -3.90 -21.14
C GLN A 159 -11.74 -4.85 -20.81
N LYS A 160 -11.38 -6.13 -20.57
CA LYS A 160 -12.38 -7.13 -20.20
C LYS A 160 -13.07 -6.76 -18.86
N ILE A 161 -12.27 -6.35 -17.85
CA ILE A 161 -12.83 -5.95 -16.60
C ILE A 161 -13.77 -4.78 -16.76
N ALA A 162 -13.35 -3.74 -17.52
CA ALA A 162 -14.22 -2.59 -17.61
C ALA A 162 -15.44 -2.90 -18.44
N ALA A 163 -15.27 -3.67 -19.52
CA ALA A 163 -16.45 -4.08 -20.37
C ALA A 163 -17.43 -4.85 -19.49
N GLU A 164 -16.92 -5.83 -18.72
CA GLU A 164 -17.87 -6.59 -17.86
C GLU A 164 -18.58 -5.73 -16.81
N ALA A 165 -17.85 -4.83 -16.12
CA ALA A 165 -18.48 -3.93 -15.15
C ALA A 165 -19.50 -3.06 -15.85
N ALA A 166 -19.13 -2.50 -17.00
CA ALA A 166 -20.05 -1.62 -17.71
C ALA A 166 -21.36 -2.31 -18.09
N ALA A 167 -21.26 -3.56 -18.55
CA ALA A 167 -22.47 -4.33 -18.93
C ALA A 167 -23.39 -4.59 -17.75
N ALA A 168 -22.88 -4.53 -16.52
CA ALA A 168 -23.68 -4.68 -15.32
C ALA A 168 -24.43 -3.40 -14.99
N GLY A 169 -24.09 -2.30 -15.63
CA GLY A 169 -24.85 -1.04 -15.44
C GLY A 169 -24.50 -0.22 -14.22
N SER A 170 -24.51 -0.89 -13.05
CA SER A 170 -24.17 -0.22 -11.82
C SER A 170 -23.71 -1.24 -10.84
N GLY A 171 -23.13 -0.77 -9.75
CA GLY A 171 -22.66 -1.70 -8.73
C GLY A 171 -21.51 -1.14 -7.93
N ASP A 172 -20.85 -2.05 -7.18
CA ASP A 172 -19.73 -1.70 -6.34
C ASP A 172 -18.43 -1.60 -7.16
N PHE A 173 -18.00 -0.35 -7.40
CA PHE A 173 -16.80 -0.04 -8.16
C PHE A 173 -15.59 -0.77 -7.60
N VAL A 174 -15.55 -0.94 -6.28
CA VAL A 174 -14.34 -1.56 -5.68
C VAL A 174 -14.26 -2.99 -6.13
N GLU A 175 -15.38 -3.70 -5.99
CA GLU A 175 -15.38 -5.13 -6.30
C GLU A 175 -15.41 -5.37 -7.80
N GLN A 176 -16.15 -4.53 -8.57
CA GLN A 176 -16.34 -4.76 -10.01
C GLN A 176 -15.17 -4.24 -10.87
N VAL A 177 -14.52 -3.18 -10.39
CA VAL A 177 -13.50 -2.55 -11.18
C VAL A 177 -12.14 -2.53 -10.47
N SER A 178 -12.08 -1.91 -9.29
CA SER A 178 -10.75 -1.58 -8.67
C SER A 178 -9.89 -2.80 -8.31
N CYS A 179 -10.55 -3.84 -7.76
CA CYS A 179 -9.71 -4.95 -7.25
C CYS A 179 -9.17 -5.89 -8.30
N GLU A 180 -9.81 -6.01 -9.48
N GLU A 180 -9.75 -5.90 -9.49
CA GLU A 180 -9.50 -7.13 -10.40
CA GLU A 180 -9.52 -7.00 -10.39
C GLU A 180 -8.15 -7.06 -11.09
C GLU A 180 -8.19 -7.03 -11.10
N LEU A 181 -7.75 -5.89 -11.61
CA LEU A 181 -6.57 -5.89 -12.37
C LEU A 181 -5.34 -6.14 -11.45
N PRO A 182 -5.26 -5.45 -10.31
CA PRO A 182 -4.09 -5.75 -9.42
C PRO A 182 -4.10 -7.25 -8.94
N LEU A 183 -5.30 -7.80 -8.69
CA LEU A 183 -5.43 -9.15 -8.18
C LEU A 183 -4.98 -10.14 -9.28
N GLN A 184 -5.45 -9.95 -10.54
N GLN A 184 -5.44 -9.90 -10.52
CA GLN A 184 -4.97 -10.82 -11.64
CA GLN A 184 -5.05 -10.71 -11.67
C GLN A 184 -3.47 -10.68 -11.81
C GLN A 184 -3.57 -10.60 -12.01
N ALA A 185 -2.99 -9.42 -11.76
CA ALA A 185 -1.56 -9.20 -11.96
C ALA A 185 -0.73 -9.95 -10.95
N ILE A 186 -1.06 -9.82 -9.66
CA ILE A 186 -0.19 -10.47 -8.65
C ILE A 186 -0.38 -12.00 -8.70
N ALA A 187 -1.59 -12.47 -8.93
CA ALA A 187 -1.79 -13.93 -9.07
C ALA A 187 -0.97 -14.50 -10.22
N GLY A 188 -0.96 -13.80 -11.36
CA GLY A 188 -0.19 -14.26 -12.52
C GLY A 188 1.30 -14.21 -12.23
N LEU A 189 1.78 -13.13 -11.62
CA LEU A 189 3.19 -13.08 -11.20
C LEU A 189 3.61 -14.19 -10.25
N LEU A 190 2.75 -14.50 -9.28
CA LEU A 190 3.06 -15.51 -8.27
C LEU A 190 3.04 -16.91 -8.87
N GLY A 191 2.17 -17.14 -9.87
CA GLY A 191 1.92 -18.47 -10.37
C GLY A 191 0.63 -19.11 -9.81
N VAL A 192 -0.25 -18.30 -9.24
CA VAL A 192 -1.57 -18.77 -8.72
C VAL A 192 -2.50 -18.93 -9.91
N PRO A 193 -3.11 -20.10 -10.07
CA PRO A 193 -4.11 -20.23 -11.15
C PRO A 193 -5.25 -19.18 -10.99
N GLN A 194 -5.63 -18.49 -12.08
CA GLN A 194 -6.61 -17.36 -12.01
C GLN A 194 -7.88 -17.82 -11.24
N GLU A 195 -8.15 -19.13 -11.29
N GLU A 195 -8.17 -19.11 -11.27
CA GLU A 195 -9.22 -19.87 -10.60
CA GLU A 195 -9.30 -19.74 -10.56
C GLU A 195 -9.21 -19.79 -9.05
C GLU A 195 -9.24 -19.64 -9.02
N ASP A 196 -8.01 -19.58 -8.48
CA ASP A 196 -7.81 -19.46 -7.06
C ASP A 196 -7.48 -18.00 -6.71
N ARG A 197 -7.57 -17.08 -7.68
CA ARG A 197 -7.18 -15.69 -7.37
C ARG A 197 -8.06 -15.06 -6.32
N GLY A 198 -9.33 -15.46 -6.26
CA GLY A 198 -10.21 -14.95 -5.25
C GLY A 198 -9.69 -15.25 -3.83
N LYS A 199 -9.11 -16.43 -3.63
CA LYS A 199 -8.58 -16.85 -2.32
C LYS A 199 -7.53 -15.90 -1.85
N LEU A 200 -6.59 -15.51 -2.73
CA LEU A 200 -5.59 -14.53 -2.30
C LEU A 200 -6.16 -13.28 -1.88
N PHE A 201 -7.18 -12.81 -2.64
CA PHE A 201 -7.75 -11.55 -2.33
C PHE A 201 -8.44 -11.64 -0.95
N HIS A 202 -9.26 -12.68 -0.71
CA HIS A 202 -9.98 -12.70 0.57
C HIS A 202 -9.02 -12.83 1.76
N TRP A 203 -7.98 -13.67 1.62
CA TRP A 203 -7.00 -13.82 2.72
C TRP A 203 -6.28 -12.49 2.98
N SER A 204 -5.92 -11.78 1.88
CA SER A 204 -5.24 -10.48 2.06
C SER A 204 -6.15 -9.47 2.77
N ASN A 205 -7.44 -9.51 2.42
CA ASN A 205 -8.42 -8.57 3.02
C ASN A 205 -8.58 -8.90 4.52
N GLU A 206 -8.62 -10.19 4.85
CA GLU A 206 -8.82 -10.59 6.24
C GLU A 206 -7.62 -10.18 7.08
N MET A 207 -6.39 -10.28 6.51
CA MET A 207 -5.18 -10.01 7.30
C MET A 207 -5.01 -8.53 7.51
N THR A 208 -5.57 -7.70 6.61
CA THR A 208 -5.39 -6.23 6.72
C THR A 208 -6.64 -5.51 7.20
N GLY A 209 -7.73 -6.26 7.41
CA GLY A 209 -8.99 -5.65 7.77
C GLY A 209 -9.44 -6.00 9.15
N ASN A 210 -8.52 -6.44 9.98
CA ASN A 210 -8.94 -7.08 11.19
C ASN A 210 -9.52 -6.16 12.26
N GLU A 211 -9.33 -4.87 12.07
CA GLU A 211 -9.90 -3.86 12.93
C GLU A 211 -11.20 -3.26 12.39
N ASP A 212 -11.69 -3.82 11.31
CA ASP A 212 -12.88 -3.28 10.67
C ASP A 212 -14.04 -4.26 10.94
N PRO A 213 -15.24 -3.71 11.23
CA PRO A 213 -16.33 -4.64 11.57
C PRO A 213 -16.74 -5.62 10.47
N GLU A 214 -16.42 -5.29 9.21
CA GLU A 214 -16.72 -6.20 8.11
C GLU A 214 -15.91 -7.52 8.18
N TYR A 215 -14.84 -7.51 8.96
CA TYR A 215 -13.98 -8.68 9.10
C TYR A 215 -14.05 -9.17 10.57
N ALA A 216 -15.15 -8.85 11.25
CA ALA A 216 -15.32 -9.33 12.61
C ALA A 216 -15.30 -10.84 12.65
N HIS A 217 -14.77 -11.37 13.77
CA HIS A 217 -14.77 -12.83 14.01
C HIS A 217 -13.81 -13.60 13.11
N ILE A 218 -12.98 -12.88 12.34
CA ILE A 218 -11.90 -13.55 11.56
C ILE A 218 -10.58 -13.30 12.32
N ASP A 219 -9.92 -14.40 12.69
CA ASP A 219 -8.61 -14.36 13.34
C ASP A 219 -7.54 -14.17 12.22
N PRO A 220 -6.90 -12.99 12.13
CA PRO A 220 -5.92 -12.78 11.04
C PRO A 220 -4.76 -13.76 11.10
N LYS A 221 -4.44 -14.33 12.29
CA LYS A 221 -3.40 -15.36 12.36
C LYS A 221 -3.79 -16.62 11.58
N ALA A 222 -5.06 -16.99 11.67
CA ALA A 222 -5.54 -18.10 10.94
C ALA A 222 -5.61 -17.80 9.49
N SER A 223 -6.01 -16.58 9.13
CA SER A 223 -5.98 -16.25 7.67
C SER A 223 -4.56 -16.29 7.11
N SER A 224 -3.54 -15.80 7.89
CA SER A 224 -2.15 -15.90 7.46
C SER A 224 -1.80 -17.40 7.27
N ALA A 225 -2.20 -18.23 8.24
CA ALA A 225 -1.84 -19.65 8.18
C ALA A 225 -2.49 -20.34 6.96
N GLU A 226 -3.73 -19.96 6.64
CA GLU A 226 -4.40 -20.50 5.45
C GLU A 226 -3.68 -20.15 4.14
N LEU A 227 -3.29 -18.88 4.04
CA LEU A 227 -2.55 -18.44 2.85
C LEU A 227 -1.20 -19.17 2.77
N ILE A 228 -0.53 -19.25 3.91
CA ILE A 228 0.77 -19.95 3.94
C ILE A 228 0.62 -21.40 3.54
N GLY A 229 -0.39 -22.06 4.07
CA GLY A 229 -0.67 -23.42 3.61
C GLY A 229 -0.86 -23.53 2.10
N TYR A 230 -1.62 -22.59 1.53
CA TYR A 230 -1.80 -22.50 0.06
C TYR A 230 -0.46 -22.30 -0.61
N ALA A 231 0.33 -21.37 -0.09
CA ALA A 231 1.70 -21.18 -0.64
C ALA A 231 2.52 -22.49 -0.58
N MET A 232 2.46 -23.23 0.51
CA MET A 232 3.20 -24.50 0.51
C MET A 232 2.63 -25.51 -0.52
N LYS A 233 1.31 -25.56 -0.73
CA LYS A 233 0.79 -26.36 -1.84
C LYS A 233 1.35 -25.95 -3.20
N MET A 234 1.47 -24.63 -3.39
CA MET A 234 2.02 -24.08 -4.63
C MET A 234 3.49 -24.47 -4.77
N ALA A 235 4.23 -24.49 -3.67
CA ALA A 235 5.66 -24.86 -3.70
C ALA A 235 5.83 -26.31 -4.14
N GLU A 236 4.98 -27.19 -3.63
CA GLU A 236 5.00 -28.60 -4.13
C GLU A 236 4.59 -28.67 -5.61
N GLU A 237 3.63 -27.85 -6.03
CA GLU A 237 3.19 -27.85 -7.40
C GLU A 237 4.37 -27.37 -8.30
N LYS A 238 5.09 -26.34 -7.87
CA LYS A 238 6.13 -25.71 -8.71
C LYS A 238 7.42 -26.56 -8.60
N ALA A 239 7.52 -27.40 -7.58
CA ALA A 239 8.72 -28.22 -7.45
C ALA A 239 8.72 -29.29 -8.46
N LYS A 240 7.53 -29.78 -8.81
CA LYS A 240 7.41 -30.75 -9.82
C LYS A 240 7.24 -30.10 -11.19
N ASN A 241 6.54 -28.95 -11.26
CA ASN A 241 6.29 -28.28 -12.54
C ASN A 241 6.75 -26.83 -12.48
N PRO A 242 8.10 -26.62 -12.53
CA PRO A 242 8.54 -25.24 -12.45
C PRO A 242 8.09 -24.41 -13.67
N ALA A 243 7.94 -23.12 -13.41
CA ALA A 243 7.38 -22.23 -14.40
C ALA A 243 8.00 -20.82 -14.20
N ASP A 244 7.68 -19.92 -15.10
CA ASP A 244 8.21 -18.60 -15.08
C ASP A 244 7.36 -17.80 -14.10
N ASP A 245 7.58 -17.97 -12.79
CA ASP A 245 6.73 -17.30 -11.80
C ASP A 245 7.48 -17.16 -10.50
N ILE A 246 6.95 -16.35 -9.57
CA ILE A 246 7.66 -16.05 -8.33
C ILE A 246 7.78 -17.27 -7.43
N VAL A 247 6.70 -18.08 -7.30
CA VAL A 247 6.87 -19.25 -6.45
C VAL A 247 8.00 -20.16 -6.94
N THR A 248 8.09 -20.39 -8.24
CA THR A 248 9.22 -21.18 -8.78
C THR A 248 10.55 -20.49 -8.42
N GLN A 249 10.62 -19.18 -8.64
CA GLN A 249 11.85 -18.43 -8.31
C GLN A 249 12.24 -18.61 -6.83
N LEU A 250 11.26 -18.52 -5.93
CA LEU A 250 11.59 -18.49 -4.52
C LEU A 250 12.03 -19.85 -4.01
N ILE A 251 11.39 -20.92 -4.50
CA ILE A 251 11.71 -22.29 -4.01
C ILE A 251 13.05 -22.76 -4.60
N GLN A 252 13.50 -22.10 -5.68
CA GLN A 252 14.80 -22.43 -6.31
C GLN A 252 15.95 -21.53 -5.80
N ALA A 253 15.60 -20.42 -5.14
CA ALA A 253 16.56 -19.46 -4.63
C ALA A 253 17.57 -20.04 -3.63
N ASP A 254 18.78 -19.49 -3.67
CA ASP A 254 19.92 -20.00 -2.97
C ASP A 254 20.37 -18.72 -2.28
N ILE A 255 20.57 -18.72 -0.95
CA ILE A 255 21.38 -17.64 -0.35
C ILE A 255 22.67 -18.26 0.20
N ASP A 256 23.80 -18.08 -0.49
CA ASP A 256 25.06 -18.72 -0.03
C ASP A 256 24.87 -20.22 0.27
N GLY A 257 24.09 -20.89 -0.58
CA GLY A 257 24.00 -22.36 -0.58
C GLY A 257 22.77 -22.95 0.08
N GLU A 258 22.02 -22.06 0.76
CA GLU A 258 20.91 -22.47 1.58
C GLU A 258 19.63 -21.90 0.95
N LYS A 259 18.62 -22.75 0.89
CA LYS A 259 17.29 -22.38 0.48
C LYS A 259 16.61 -21.43 1.48
N LEU A 260 15.66 -20.62 0.98
CA LEU A 260 14.81 -19.82 1.87
C LEU A 260 14.14 -20.78 2.88
N SER A 261 14.03 -20.32 4.11
CA SER A 261 13.36 -21.13 5.10
C SER A 261 11.85 -21.14 4.75
N ASP A 262 11.16 -22.15 5.28
CA ASP A 262 9.71 -22.24 5.07
C ASP A 262 9.05 -20.99 5.59
N ASP A 263 9.53 -20.47 6.72
CA ASP A 263 8.96 -19.20 7.26
C ASP A 263 9.14 -18.03 6.28
N GLU A 264 10.33 -17.88 5.72
CA GLU A 264 10.56 -16.75 4.82
C GLU A 264 9.83 -16.97 3.53
N PHE A 265 9.76 -18.21 3.06
CA PHE A 265 9.01 -18.46 1.83
C PHE A 265 7.52 -18.11 2.03
N GLY A 266 6.92 -18.62 3.13
CA GLY A 266 5.49 -18.37 3.39
C GLY A 266 5.21 -16.89 3.49
N PHE A 267 6.06 -16.18 4.24
CA PHE A 267 5.81 -14.76 4.46
C PHE A 267 6.17 -13.92 3.23
N PHE A 268 7.01 -14.42 2.32
CA PHE A 268 7.14 -13.78 1.03
C PHE A 268 5.80 -13.73 0.33
N VAL A 269 5.08 -14.86 0.31
CA VAL A 269 3.82 -14.88 -0.39
C VAL A 269 2.76 -14.00 0.37
N VAL A 270 2.79 -14.01 1.72
CA VAL A 270 1.95 -13.09 2.50
C VAL A 270 2.22 -11.65 2.07
N MET A 271 3.52 -11.30 2.03
CA MET A 271 3.82 -9.89 1.78
C MET A 271 3.37 -9.52 0.36
N LEU A 272 3.68 -10.40 -0.61
CA LEU A 272 3.39 -10.09 -2.05
C LEU A 272 1.84 -10.07 -2.27
N ALA A 273 1.11 -11.00 -1.60
CA ALA A 273 -0.34 -11.04 -1.83
C ALA A 273 -0.92 -9.74 -1.25
N VAL A 274 -0.41 -9.30 -0.09
CA VAL A 274 -0.94 -8.08 0.52
C VAL A 274 -0.56 -6.81 -0.30
N ALA A 275 0.68 -6.72 -0.72
CA ALA A 275 1.15 -5.54 -1.52
C ALA A 275 0.32 -5.57 -2.78
N GLY A 276 0.07 -6.78 -3.39
CA GLY A 276 -0.60 -6.82 -4.67
C GLY A 276 -2.05 -6.39 -4.50
N ASN A 277 -2.71 -6.80 -3.41
CA ASN A 277 -4.17 -6.67 -3.30
C ASN A 277 -4.69 -5.54 -2.41
N GLU A 278 -3.79 -4.82 -1.70
CA GLU A 278 -4.23 -3.83 -0.72
C GLU A 278 -3.63 -2.46 -0.98
N THR A 279 -3.00 -2.26 -2.16
CA THR A 279 -2.43 -0.93 -2.45
C THR A 279 -3.07 -0.40 -3.71
N THR A 280 -2.77 -1.02 -4.86
CA THR A 280 -3.16 -0.46 -6.14
C THR A 280 -4.67 -0.29 -6.20
N ARG A 281 -5.46 -1.28 -5.71
CA ARG A 281 -6.92 -1.14 -5.80
C ARG A 281 -7.40 0.14 -5.06
N ASN A 282 -6.78 0.50 -3.97
CA ASN A 282 -7.19 1.72 -3.25
C ASN A 282 -6.75 3.02 -3.98
N SER A 283 -5.63 2.96 -4.66
CA SER A 283 -5.28 4.08 -5.57
C SER A 283 -6.31 4.18 -6.70
N ILE A 284 -6.83 3.05 -7.19
CA ILE A 284 -7.76 3.10 -8.30
C ILE A 284 -9.10 3.67 -7.81
N THR A 285 -9.61 3.13 -6.70
CA THR A 285 -10.89 3.68 -6.13
C THR A 285 -10.76 5.19 -5.86
N GLN A 286 -9.66 5.58 -5.17
CA GLN A 286 -9.51 6.98 -4.79
C GLN A 286 -9.19 7.89 -6.03
N GLY A 287 -8.52 7.33 -7.04
CA GLY A 287 -8.31 8.07 -8.30
C GLY A 287 -9.65 8.35 -8.95
N MET A 288 -10.54 7.35 -8.93
CA MET A 288 -11.84 7.58 -9.58
C MET A 288 -12.71 8.54 -8.74
N MET A 289 -12.61 8.44 -7.41
CA MET A 289 -13.23 9.43 -6.53
C MET A 289 -12.77 10.83 -6.82
N ALA A 290 -11.44 10.98 -7.03
CA ALA A 290 -10.89 12.31 -7.38
C ALA A 290 -11.46 12.81 -8.72
N PHE A 291 -11.52 11.92 -9.72
CA PHE A 291 -12.07 12.31 -11.05
C PHE A 291 -13.57 12.70 -10.94
N ALA A 292 -14.31 12.00 -10.06
CA ALA A 292 -15.74 12.33 -9.85
C ALA A 292 -15.82 13.74 -9.24
N GLU A 293 -14.88 14.07 -8.36
CA GLU A 293 -14.90 15.39 -7.66
C GLU A 293 -14.34 16.51 -8.56
N HIS A 294 -13.53 16.15 -9.56
CA HIS A 294 -12.84 17.12 -10.40
C HIS A 294 -13.10 16.84 -11.84
N PRO A 295 -14.34 17.14 -12.32
CA PRO A 295 -14.69 16.75 -13.70
C PRO A 295 -13.81 17.32 -14.80
N ASP A 296 -13.24 18.49 -14.53
N ASP A 296 -13.17 18.47 -14.60
CA ASP A 296 -12.21 19.18 -15.30
CA ASP A 296 -12.25 19.00 -15.64
C ASP A 296 -11.12 18.18 -15.65
C ASP A 296 -11.01 18.12 -15.74
N GLN A 297 -10.56 17.57 -14.61
CA GLN A 297 -9.44 16.60 -14.73
C GLN A 297 -9.89 15.27 -15.37
N TRP A 298 -11.13 14.82 -15.12
CA TRP A 298 -11.65 13.68 -15.85
C TRP A 298 -11.81 13.90 -17.36
N GLU A 299 -12.34 15.05 -17.79
N GLU A 299 -12.34 15.07 -17.75
CA GLU A 299 -12.39 15.33 -19.22
CA GLU A 299 -12.39 15.50 -19.14
C GLU A 299 -10.96 15.36 -19.80
C GLU A 299 -11.01 15.41 -19.78
N LEU A 300 -10.00 15.95 -19.08
CA LEU A 300 -8.64 16.01 -19.60
C LEU A 300 -8.09 14.58 -19.70
N TYR A 301 -8.35 13.76 -18.68
CA TYR A 301 -7.87 12.37 -18.67
C TYR A 301 -8.43 11.58 -19.87
N LYS A 302 -9.76 11.67 -20.05
CA LYS A 302 -10.38 10.92 -21.13
C LYS A 302 -9.82 11.32 -22.51
N LYS A 303 -9.53 12.61 -22.68
CA LYS A 303 -9.01 13.07 -23.97
C LYS A 303 -7.55 12.67 -24.20
N VAL A 304 -6.69 12.97 -23.22
CA VAL A 304 -5.21 12.87 -23.39
C VAL A 304 -4.61 11.60 -22.81
N ARG A 305 -5.25 11.07 -21.75
CA ARG A 305 -4.69 9.85 -21.11
C ARG A 305 -3.18 10.09 -20.72
N PRO A 306 -2.88 11.17 -20.01
CA PRO A 306 -1.45 11.48 -19.80
C PRO A 306 -0.75 10.49 -18.87
N GLU A 307 0.58 10.37 -19.13
N GLU A 307 0.49 10.18 -19.20
CA GLU A 307 1.55 9.44 -18.50
CA GLU A 307 1.19 9.20 -18.41
C GLU A 307 2.02 9.94 -17.13
C GLU A 307 1.44 9.73 -16.98
N THR A 308 1.49 11.07 -16.77
CA THR A 308 1.72 11.64 -15.45
C THR A 308 0.50 11.36 -14.51
N ALA A 309 -0.60 10.86 -15.06
CA ALA A 309 -1.79 10.70 -14.27
C ALA A 309 -1.56 9.68 -13.14
N ALA A 310 -0.86 8.56 -13.41
CA ALA A 310 -0.76 7.51 -12.39
C ALA A 310 -0.07 8.07 -11.15
N ASP A 311 1.01 8.85 -11.35
CA ASP A 311 1.66 9.40 -10.16
C ASP A 311 0.82 10.41 -9.39
N GLU A 312 -0.03 11.19 -10.08
CA GLU A 312 -0.89 12.11 -9.34
C GLU A 312 -1.97 11.31 -8.59
N ILE A 313 -2.40 10.22 -9.24
CA ILE A 313 -3.38 9.32 -8.57
C ILE A 313 -2.77 8.71 -7.30
N VAL A 314 -1.49 8.30 -7.36
CA VAL A 314 -0.87 7.70 -6.19
C VAL A 314 -0.63 8.77 -5.11
N ARG A 315 -0.20 9.99 -5.49
CA ARG A 315 -0.04 11.07 -4.51
C ARG A 315 -1.39 11.35 -3.84
N TRP A 316 -2.46 11.44 -4.65
CA TRP A 316 -3.75 11.91 -4.12
C TRP A 316 -4.30 10.74 -3.24
N ALA A 317 -4.11 9.48 -3.67
CA ALA A 317 -4.73 8.33 -2.99
C ALA A 317 -3.90 7.93 -1.75
N THR A 318 -2.56 8.13 -1.77
CA THR A 318 -1.65 7.66 -0.70
C THR A 318 -2.18 6.38 -0.01
N PRO A 319 -2.17 5.26 -0.76
CA PRO A 319 -2.81 4.00 -0.24
C PRO A 319 -2.24 3.55 1.11
N VAL A 320 -0.94 3.74 1.33
CA VAL A 320 -0.34 3.50 2.66
C VAL A 320 -0.24 4.82 3.37
N THR A 321 -1.06 5.02 4.40
CA THR A 321 -1.03 6.27 5.16
C THR A 321 0.27 6.47 5.89
N ALA A 322 0.83 5.40 6.45
CA ALA A 322 1.97 5.52 7.31
C ALA A 322 2.71 4.19 7.48
N PHE A 323 4.05 4.27 7.48
CA PHE A 323 4.88 3.18 8.01
C PHE A 323 5.86 3.76 9.05
N GLN A 324 6.37 2.90 9.93
CA GLN A 324 7.21 3.37 10.99
C GLN A 324 8.62 2.84 10.88
N ARG A 325 9.48 3.44 11.71
CA ARG A 325 10.85 2.91 11.96
C ARG A 325 11.16 3.06 13.44
N THR A 326 12.24 2.43 13.87
CA THR A 326 12.70 2.58 15.27
C THR A 326 14.15 3.07 15.24
N ALA A 327 14.44 4.15 15.97
CA ALA A 327 15.81 4.66 16.04
C ALA A 327 16.76 3.65 16.71
N LEU A 328 17.90 3.37 16.05
CA LEU A 328 18.91 2.48 16.65
C LEU A 328 19.97 3.19 17.51
N ARG A 329 19.94 4.52 17.48
CA ARG A 329 20.86 5.35 18.27
C ARG A 329 20.14 6.69 18.37
N ASP A 330 20.55 7.55 19.30
CA ASP A 330 20.02 8.92 19.38
C ASP A 330 20.33 9.55 18.04
N TYR A 331 19.42 10.41 17.62
CA TYR A 331 19.51 11.04 16.30
C TYR A 331 18.74 12.37 16.27
N GLU A 332 19.42 13.42 15.84
CA GLU A 332 18.81 14.72 15.71
C GLU A 332 18.20 14.88 14.34
N LEU A 333 16.88 15.06 14.31
CA LEU A 333 16.13 15.21 13.07
C LEU A 333 15.38 16.53 13.07
N SER A 334 15.75 17.46 12.16
CA SER A 334 15.08 18.77 12.05
C SER A 334 14.91 19.44 13.40
N GLY A 335 16.04 19.57 14.09
CA GLY A 335 16.07 20.19 15.38
C GLY A 335 15.45 19.41 16.51
N VAL A 336 14.90 18.22 16.23
CA VAL A 336 14.33 17.38 17.28
C VAL A 336 15.20 16.18 17.74
N GLN A 337 15.37 15.94 19.06
CA GLN A 337 16.24 14.84 19.50
C GLN A 337 15.45 13.54 19.60
N ILE A 338 15.71 12.62 18.68
CA ILE A 338 15.08 11.32 18.75
C ILE A 338 15.99 10.39 19.57
N LYS A 339 15.38 9.60 20.46
CA LYS A 339 16.14 8.73 21.36
C LYS A 339 16.18 7.31 20.85
N LYS A 340 17.34 6.65 21.03
CA LYS A 340 17.45 5.22 20.78
C LYS A 340 16.20 4.49 21.31
N GLY A 341 15.63 3.63 20.48
CA GLY A 341 14.50 2.77 20.86
C GLY A 341 13.14 3.40 20.57
N GLN A 342 13.09 4.72 20.32
CA GLN A 342 11.82 5.38 20.02
C GLN A 342 11.34 5.15 18.60
N ARG A 343 10.02 5.10 18.43
CA ARG A 343 9.40 4.92 17.07
C ARG A 343 9.09 6.28 16.42
N VAL A 344 9.36 6.35 15.09
CA VAL A 344 9.02 7.47 14.26
C VAL A 344 8.04 6.93 13.23
N VAL A 345 6.92 7.63 13.10
CA VAL A 345 5.88 7.18 12.17
C VAL A 345 5.78 8.17 11.02
N MET A 346 6.07 7.67 9.83
CA MET A 346 6.18 8.52 8.63
C MET A 346 4.79 8.60 8.01
N PHE A 347 4.16 9.78 8.09
CA PHE A 347 2.83 9.93 7.54
C PHE A 347 2.94 10.37 6.11
N TYR A 348 2.95 9.37 5.21
CA TYR A 348 2.99 9.66 3.76
C TYR A 348 1.81 10.56 3.40
N ARG A 349 0.62 10.37 4.00
CA ARG A 349 -0.55 11.16 3.69
C ARG A 349 -0.26 12.62 3.99
N SER A 350 0.52 12.91 5.04
CA SER A 350 0.88 14.30 5.29
C SER A 350 1.97 14.81 4.29
N ALA A 351 3.03 14.02 4.17
CA ALA A 351 4.13 14.44 3.30
C ALA A 351 3.67 14.72 1.84
N ASN A 352 2.71 13.92 1.33
CA ASN A 352 2.23 14.08 -0.03
C ASN A 352 1.40 15.35 -0.31
N PHE A 353 1.13 16.09 0.77
CA PHE A 353 0.44 17.41 0.75
C PHE A 353 1.28 18.51 1.38
N ASP A 354 2.60 18.28 1.30
CA ASP A 354 3.57 19.22 1.94
C ASP A 354 3.64 20.53 1.12
N GLU A 355 3.19 21.63 1.73
CA GLU A 355 3.08 22.93 1.05
C GLU A 355 4.44 23.41 0.58
N GLU A 356 5.53 22.97 1.22
CA GLU A 356 6.87 23.44 0.80
C GLU A 356 7.48 22.60 -0.32
N VAL A 357 6.75 21.59 -0.71
CA VAL A 357 7.20 20.73 -1.77
C VAL A 357 6.35 20.90 -3.04
N PHE A 358 5.02 20.89 -2.88
CA PHE A 358 4.13 20.85 -4.00
C PHE A 358 3.50 22.19 -4.15
N GLN A 359 3.43 22.62 -5.43
CA GLN A 359 2.70 23.81 -5.83
C GLN A 359 1.21 23.38 -5.73
N ASP A 360 0.49 24.04 -4.82
N ASP A 360 0.46 24.04 -4.87
CA ASP A 360 -0.94 23.79 -4.72
CA ASP A 360 -0.96 23.73 -4.82
C ASP A 360 -1.14 22.27 -4.45
C ASP A 360 -1.24 22.24 -4.44
N PRO A 361 -0.76 21.79 -3.26
CA PRO A 361 -0.88 20.36 -2.96
C PRO A 361 -2.33 19.88 -2.96
N PHE A 362 -3.27 20.81 -2.68
CA PHE A 362 -4.68 20.41 -2.63
C PHE A 362 -5.43 20.49 -3.98
N THR A 363 -4.67 20.75 -5.02
CA THR A 363 -5.17 20.68 -6.37
C THR A 363 -4.78 19.32 -6.92
N PHE A 364 -5.79 18.64 -7.46
CA PHE A 364 -5.59 17.37 -8.17
C PHE A 364 -5.24 17.71 -9.62
N ASN A 365 -3.97 17.46 -9.99
CA ASN A 365 -3.46 17.90 -11.30
C ASN A 365 -2.77 16.75 -12.00
N ILE A 366 -3.46 16.10 -12.93
CA ILE A 366 -2.90 14.91 -13.55
C ILE A 366 -1.73 15.14 -14.50
N LEU A 367 -1.40 16.43 -14.71
CA LEU A 367 -0.19 16.82 -15.42
C LEU A 367 1.02 17.21 -14.54
N ARG A 368 0.87 17.06 -13.25
CA ARG A 368 1.88 17.54 -12.31
C ARG A 368 3.22 16.88 -12.60
N ASN A 369 4.24 17.72 -12.78
CA ASN A 369 5.55 17.21 -13.10
C ASN A 369 6.55 18.38 -12.88
N PRO A 370 7.62 18.16 -12.07
CA PRO A 370 7.99 16.97 -11.26
C PRO A 370 6.85 16.68 -10.28
N ASN A 371 6.78 15.42 -9.86
CA ASN A 371 5.82 15.04 -8.84
C ASN A 371 6.53 14.16 -7.80
N PRO A 372 7.24 14.78 -6.83
CA PRO A 372 8.14 14.02 -5.96
C PRO A 372 7.39 13.42 -4.78
N HIS A 373 6.23 12.85 -5.07
CA HIS A 373 5.46 12.26 -3.98
C HIS A 373 6.20 11.03 -3.40
N VAL A 374 5.81 10.73 -2.21
CA VAL A 374 6.29 9.58 -1.44
C VAL A 374 5.21 8.52 -1.22
N GLY A 375 4.29 8.40 -2.17
CA GLY A 375 3.30 7.27 -2.13
C GLY A 375 4.01 5.93 -2.07
N PHE A 376 5.19 5.81 -2.72
CA PHE A 376 5.95 4.54 -2.72
C PHE A 376 7.09 4.55 -1.67
N GLY A 377 6.91 5.40 -0.70
CA GLY A 377 7.83 5.62 0.43
C GLY A 377 8.86 6.73 0.12
N GLY A 378 9.76 6.89 1.09
CA GLY A 378 10.74 7.99 1.08
C GLY A 378 12.00 7.75 0.30
N THR A 379 12.00 6.68 -0.53
CA THR A 379 13.19 6.13 -1.24
C THR A 379 14.21 5.46 -0.27
N GLY A 380 15.37 5.03 -0.78
CA GLY A 380 16.27 4.25 0.11
C GLY A 380 16.08 2.74 -0.08
N ALA A 381 16.52 2.02 0.93
CA ALA A 381 16.72 0.54 0.83
C ALA A 381 15.43 -0.22 0.62
N HIS A 382 14.30 0.34 1.07
CA HIS A 382 13.04 -0.44 0.99
C HIS A 382 12.10 0.03 -0.07
N TYR A 383 12.60 0.84 -1.00
CA TYR A 383 11.69 1.44 -1.99
C TYR A 383 10.81 0.39 -2.69
N CYS A 384 9.53 0.70 -2.84
CA CYS A 384 8.52 -0.23 -3.44
C CYS A 384 9.02 -0.96 -4.70
N ILE A 385 9.14 -2.30 -4.65
CA ILE A 385 9.57 -2.99 -5.88
C ILE A 385 8.47 -3.05 -6.96
N GLY A 386 7.23 -2.81 -6.48
CA GLY A 386 6.08 -2.87 -7.35
C GLY A 386 5.70 -1.57 -8.05
N ALA A 387 6.49 -0.51 -7.87
CA ALA A 387 6.00 0.83 -8.25
C ALA A 387 5.63 0.90 -9.75
N ASN A 388 6.52 0.40 -10.60
N ASN A 388 6.53 0.40 -10.59
CA ASN A 388 6.26 0.47 -12.06
CA ASN A 388 6.30 0.43 -12.06
C ASN A 388 5.07 -0.43 -12.45
C ASN A 388 5.08 -0.42 -12.42
N LEU A 389 5.00 -1.62 -11.85
CA LEU A 389 3.82 -2.49 -12.01
C LEU A 389 2.55 -1.72 -11.60
N ALA A 390 2.62 -1.02 -10.45
CA ALA A 390 1.43 -0.28 -9.94
C ALA A 390 1.03 0.78 -10.93
N ARG A 391 2.01 1.55 -11.41
CA ARG A 391 1.69 2.62 -12.37
C ARG A 391 1.10 2.08 -13.66
N MET A 392 1.67 0.97 -14.19
CA MET A 392 1.08 0.31 -15.38
C MET A 392 -0.37 -0.10 -15.10
N THR A 393 -0.58 -0.71 -13.93
CA THR A 393 -1.91 -1.23 -13.61
C THR A 393 -2.90 -0.06 -13.61
N ILE A 394 -2.51 1.01 -12.96
CA ILE A 394 -3.37 2.21 -12.85
C ILE A 394 -3.65 2.77 -14.25
N ASN A 395 -2.60 2.94 -15.08
CA ASN A 395 -2.86 3.48 -16.42
C ASN A 395 -3.75 2.60 -17.25
N LEU A 396 -3.50 1.30 -17.21
CA LEU A 396 -4.29 0.39 -18.03
C LEU A 396 -5.76 0.39 -17.58
N ILE A 397 -6.02 0.38 -16.27
CA ILE A 397 -7.42 0.33 -15.82
C ILE A 397 -8.15 1.69 -16.06
N PHE A 398 -7.46 2.82 -15.91
CA PHE A 398 -8.16 4.08 -16.21
C PHE A 398 -8.43 4.24 -17.72
N ASN A 399 -7.52 3.75 -18.57
CA ASN A 399 -7.79 3.80 -20.00
C ASN A 399 -9.02 2.98 -20.29
N ALA A 400 -9.13 1.80 -19.63
CA ALA A 400 -10.28 0.94 -19.90
C ALA A 400 -11.57 1.55 -19.37
N VAL A 401 -11.50 2.16 -18.19
CA VAL A 401 -12.68 2.85 -17.60
C VAL A 401 -13.13 4.07 -18.47
N ALA A 402 -12.15 4.84 -18.90
CA ALA A 402 -12.45 5.93 -19.86
C ALA A 402 -13.07 5.39 -21.17
N ASP A 403 -12.60 4.24 -21.65
CA ASP A 403 -13.16 3.64 -22.86
C ASP A 403 -14.59 3.14 -22.71
N HIS A 404 -14.89 2.49 -21.55
CA HIS A 404 -16.12 1.70 -21.43
C HIS A 404 -17.18 2.38 -20.59
N MET A 405 -16.79 3.34 -19.74
CA MET A 405 -17.73 4.05 -18.86
C MET A 405 -17.35 5.50 -18.59
N PRO A 406 -17.26 6.23 -19.70
CA PRO A 406 -16.76 7.58 -19.63
C PRO A 406 -17.62 8.48 -18.82
N ASP A 407 -18.94 8.15 -18.66
CA ASP A 407 -19.81 9.04 -17.89
C ASP A 407 -20.21 8.49 -16.53
N LEU A 408 -19.42 7.57 -15.96
CA LEU A 408 -19.81 7.05 -14.66
C LEU A 408 -20.01 8.17 -13.60
N LYS A 409 -20.92 8.00 -12.62
CA LYS A 409 -21.07 8.96 -11.49
C LYS A 409 -21.42 8.18 -10.18
N PRO A 410 -21.00 8.72 -9.02
CA PRO A 410 -21.24 7.94 -7.83
C PRO A 410 -22.71 8.00 -7.43
N ILE A 411 -23.14 6.95 -6.76
CA ILE A 411 -24.45 6.84 -6.15
C ILE A 411 -24.46 7.23 -4.68
N SER A 412 -23.49 6.73 -3.92
CA SER A 412 -23.40 7.05 -2.50
C SER A 412 -21.95 7.13 -2.05
N ALA A 413 -21.75 7.57 -0.81
CA ALA A 413 -20.40 7.87 -0.36
C ALA A 413 -19.57 6.56 -0.32
N PRO A 414 -18.26 6.68 -0.51
CA PRO A 414 -17.41 5.49 -0.28
C PRO A 414 -17.48 5.00 1.17
N GLU A 415 -17.29 3.68 1.36
CA GLU A 415 -17.15 3.15 2.66
C GLU A 415 -15.63 2.93 2.96
N ARG A 416 -15.08 3.70 3.89
CA ARG A 416 -13.63 3.62 4.23
C ARG A 416 -13.27 2.44 5.13
N LEU A 417 -12.07 1.90 4.95
CA LEU A 417 -11.57 0.86 5.84
C LEU A 417 -11.16 1.39 7.24
N ARG A 418 -11.56 0.69 8.30
CA ARG A 418 -11.09 0.99 9.64
C ARG A 418 -9.69 0.40 9.88
N SER A 419 -8.65 1.19 9.60
CA SER A 419 -7.29 0.74 9.75
C SER A 419 -6.51 1.97 10.15
N GLY A 420 -5.51 1.81 11.02
CA GLY A 420 -4.76 2.96 11.47
C GLY A 420 -3.52 3.17 10.61
N TRP A 421 -3.32 2.40 9.51
CA TRP A 421 -2.13 2.70 8.63
C TRP A 421 -2.43 2.51 7.14
N LEU A 422 -3.46 1.69 6.81
CA LEU A 422 -3.82 1.47 5.45
C LEU A 422 -4.98 2.37 5.09
N ASN A 423 -4.93 3.00 3.93
CA ASN A 423 -5.98 3.92 3.54
C ASN A 423 -6.82 3.21 2.48
N GLY A 424 -7.82 2.47 2.97
CA GLY A 424 -8.58 1.58 2.10
C GLY A 424 -9.98 2.07 1.86
N ILE A 425 -10.50 1.75 0.67
CA ILE A 425 -11.92 1.95 0.38
C ILE A 425 -12.47 0.52 0.21
N LYS A 426 -13.42 0.22 1.08
CA LYS A 426 -14.07 -1.12 1.03
C LYS A 426 -15.07 -1.25 -0.10
N HIS A 427 -15.95 -0.25 -0.25
CA HIS A 427 -17.05 -0.33 -1.24
C HIS A 427 -17.39 1.09 -1.71
N TRP A 428 -17.91 1.22 -2.95
CA TRP A 428 -18.32 2.51 -3.43
C TRP A 428 -19.29 2.29 -4.56
N GLN A 429 -20.55 2.66 -4.30
CA GLN A 429 -21.61 2.33 -5.24
C GLN A 429 -21.65 3.32 -6.36
N VAL A 430 -21.53 2.85 -7.58
CA VAL A 430 -21.51 3.80 -8.74
C VAL A 430 -22.43 3.36 -9.90
N ASP A 431 -22.91 4.37 -10.63
CA ASP A 431 -23.71 4.20 -11.84
C ASP A 431 -22.78 4.32 -13.07
N TYR A 432 -22.48 3.21 -13.76
CA TYR A 432 -21.54 3.30 -14.87
C TYR A 432 -22.07 4.10 -16.07
N THR A 433 -23.40 4.38 -16.08
CA THR A 433 -24.03 5.18 -17.14
C THR A 433 -24.13 6.67 -16.85
N GLY A 434 -24.07 7.03 -15.59
CA GLY A 434 -24.47 8.34 -15.14
C GLY A 434 -25.84 8.74 -15.68
S SO4 B . -14.00 -9.87 1.48
O1 SO4 B . -13.70 -8.42 1.52
O2 SO4 B . -14.66 -10.15 0.19
O3 SO4 B . -12.77 -10.65 1.56
O4 SO4 B . -14.90 -10.12 2.63
C1 K2B C . 0.62 -11.56 11.50
C2 K2B C . 0.04 -12.46 12.60
C3 K2B C . -0.88 -11.72 13.57
C4 K2B C . -1.60 -10.54 13.10
C5 K2B C . -1.48 -10.15 11.78
C6 K2B C . -2.39 -9.01 11.29
C7 K2B C . -1.45 -7.97 10.58
C8 K2B C . -0.73 -8.61 9.39
C9 K2B C . 0.23 -9.68 9.97
C10 K2B C . -0.53 -10.79 10.76
C11 K2B C . 1.14 -10.29 8.86
C12 K2B C . 1.89 -9.17 8.01
C13 K2B C . 0.85 -8.17 7.40
C14 K2B C . 0.09 -7.55 8.58
C15 K2B C . -0.75 -6.40 7.98
C16 K2B C . 0.20 -5.84 6.88
C17 K2B C . 1.40 -6.85 6.78
C18 K2B C . -0.08 -8.89 6.37
C19 K2B C . -1.35 -11.65 9.81
C20 K2B C . 2.02 -6.90 5.36
C21 K2B C . 3.25 -7.81 5.36
C22 K2B C . 2.36 -5.44 4.88
C23 K2B C . 2.75 -5.45 3.38
C24 K2B C . 2.72 -4.03 2.78
C25 K2B C . 3.14 -3.86 1.31
C27 K2B C . 4.59 -4.27 1.05
C26 K2B C . 2.94 -2.35 0.91
O1 K2B C . -1.04 -12.16 14.73
C1 EDO D . -15.52 -13.54 17.72
O1 EDO D . -14.36 -13.02 18.34
C2 EDO D . -16.54 -13.31 18.87
O2 EDO D . -17.57 -14.31 19.05
CHA HEM E . 7.16 -1.54 -0.29
CHB HEM E . 3.58 1.49 -1.41
CHC HEM E . 2.10 -1.48 -5.02
CHD HEM E . 5.51 -4.67 -3.63
C1A HEM E . 6.39 -0.43 -0.30
C2A HEM E . 6.46 0.72 0.61
C3A HEM E . 5.42 1.55 0.29
C4A HEM E . 4.70 0.95 -0.80
CMA HEM E . 5.05 2.90 0.97
CAA HEM E . 7.50 0.93 1.70
CBA HEM E . 8.63 1.68 1.00
CGA HEM E . 9.63 2.19 2.04
O1A HEM E . 9.60 1.80 3.23
O2A HEM E . 10.64 2.88 1.65
C1B HEM E . 2.89 0.97 -2.48
C2B HEM E . 1.79 1.65 -3.17
C3B HEM E . 1.42 0.82 -4.18
C4B HEM E . 2.20 -0.40 -4.16
CMB HEM E . 1.25 3.08 -2.77
CAB HEM E . 0.34 1.03 -5.24
CBB HEM E . -0.13 2.23 -5.74
C1C HEM E . 2.89 -2.64 -4.95
C2C HEM E . 2.71 -3.89 -5.74
C3C HEM E . 3.65 -4.78 -5.32
C4C HEM E . 4.47 -4.10 -4.35
CMC HEM E . 1.60 -4.01 -6.79
CAC HEM E . 4.08 -6.17 -5.82
CBC HEM E . 3.33 -6.94 -6.53
C1D HEM E . 6.21 -4.15 -2.55
C2D HEM E . 7.28 -4.84 -1.86
C3D HEM E . 7.78 -3.90 -0.82
C4D HEM E . 7.04 -2.67 -1.04
CMD HEM E . 7.74 -6.32 -2.01
CAD HEM E . 8.91 -4.15 0.23
CBD HEM E . 10.24 -3.71 -0.44
CGD HEM E . 11.31 -3.80 0.65
O1D HEM E . 11.03 -3.83 1.86
O2D HEM E . 12.52 -3.84 0.28
NA HEM E . 5.34 -0.21 -1.20
NB HEM E . 3.08 -0.27 -3.09
NC HEM E . 3.98 -2.82 -4.10
ND HEM E . 6.14 -2.89 -2.06
FE HEM E . 4.81 -1.40 -2.82
#